data_9NIV
#
_entry.id   9NIV
#
_cell.length_a   121.139
_cell.length_b   121.139
_cell.length_c   70.820
_cell.angle_alpha   90.00
_cell.angle_beta   90.00
_cell.angle_gamma   90.00
#
_symmetry.space_group_name_H-M   'I 41 2 2'
#
loop_
_entity.id
_entity.type
_entity.pdbx_description
1 polymer 'histidine kinase'
2 non-polymer 2-AMINO-1,3-PROPANEDIOL
3 non-polymer 'CHLORIDE ION'
4 water water
#
_entity_poly.entity_id   1
_entity_poly.type   'polypeptide(L)'
_entity_poly.pdbx_seq_one_letter_code
;NNLALRAELLATQIREPLNNSIGVLQSLTSIGKSAADKEEQERMLRSLFSVVGGVIISGGLWPEPNLSATDPSLRYDSLF
FNKATDGQVDQLSSWNNPKAGGYDRESWYLAAEREAEGLYFWSPVYVDPYTRVEMITVSTPYYRNGQFAGVATVDLSLES
LIQFVAATAEQYNLGVNLKDAFGVEVVSHNFRTYDNALVSYYSFGEFNWQIEVVNAN
;
_entity_poly.pdbx_strand_id   A
#
loop_
_chem_comp.id
_chem_comp.type
_chem_comp.name
_chem_comp.formula
CL non-polymer 'CHLORIDE ION' 'Cl -1'
#
# COMPACT_ATOMS: atom_id res chain seq x y z
N ASN A 1 -24.55 8.02 24.24
CA ASN A 1 -24.61 7.19 23.04
C ASN A 1 -23.65 6.02 23.23
N ASN A 2 -23.21 5.46 22.11
CA ASN A 2 -22.26 4.36 22.07
C ASN A 2 -21.07 4.72 21.22
N LEU A 3 -20.48 5.89 21.51
CA LEU A 3 -19.40 6.41 20.67
C LEU A 3 -18.24 5.44 20.59
N ALA A 4 -17.73 4.99 21.75
CA ALA A 4 -16.54 4.14 21.74
C ALA A 4 -16.78 2.87 20.94
N LEU A 5 -17.98 2.28 21.07
CA LEU A 5 -18.29 1.07 20.32
C LEU A 5 -18.32 1.34 18.82
N ARG A 6 -19.03 2.39 18.41
CA ARG A 6 -19.08 2.68 16.98
C ARG A 6 -17.71 3.03 16.43
N ALA A 7 -16.87 3.67 17.25
CA ALA A 7 -15.52 3.99 16.81
C ALA A 7 -14.70 2.72 16.58
N GLU A 8 -14.89 1.70 17.42
CA GLU A 8 -14.20 0.43 17.19
C GLU A 8 -14.75 -0.25 15.94
N LEU A 9 -16.07 -0.21 15.74
CA LEU A 9 -16.63 -0.77 14.52
C LEU A 9 -16.03 -0.09 13.29
N LEU A 10 -15.89 1.23 13.33
CA LEU A 10 -15.27 1.94 12.23
C LEU A 10 -13.81 1.52 12.07
N ALA A 11 -13.08 1.43 13.18
CA ALA A 11 -11.67 1.05 13.09
C ALA A 11 -11.51 -0.32 12.46
N THR A 12 -12.43 -1.24 12.77
CA THR A 12 -12.36 -2.58 12.21
C THR A 12 -12.49 -2.55 10.70
N GLN A 13 -13.32 -1.64 10.19
CA GLN A 13 -13.44 -1.51 8.74
C GLN A 13 -12.20 -0.84 8.17
N ILE A 14 -11.68 0.21 8.83
CA ILE A 14 -10.48 0.87 8.33
C ILE A 14 -9.33 -0.12 8.26
N ARG A 15 -9.33 -1.12 9.14
CA ARG A 15 -8.29 -2.14 9.14
C ARG A 15 -8.35 -3.06 7.93
N GLU A 16 -9.51 -3.18 7.29
CA GLU A 16 -9.62 -4.14 6.19
C GLU A 16 -8.64 -3.84 5.06
N PRO A 17 -8.57 -2.63 4.50
CA PRO A 17 -7.59 -2.40 3.43
C PRO A 17 -6.16 -2.63 3.89
N LEU A 18 -5.87 -2.35 5.15
CA LEU A 18 -4.55 -2.66 5.70
C LEU A 18 -4.28 -4.15 5.65
N ASN A 19 -5.17 -4.95 6.27
CA ASN A 19 -5.01 -6.40 6.24
C ASN A 19 -4.93 -6.91 4.81
N ASN A 20 -5.76 -6.32 3.93
CA ASN A 20 -5.82 -6.78 2.56
C ASN A 20 -4.49 -6.59 1.87
N SER A 21 -3.88 -5.44 2.07
CA SER A 21 -2.60 -5.15 1.44
CA SER A 21 -2.59 -5.14 1.44
C SER A 21 -1.51 -6.08 1.94
N ILE A 22 -1.51 -6.36 3.26
CA ILE A 22 -0.54 -7.31 3.81
C ILE A 22 -0.72 -8.68 3.16
N GLY A 23 -1.97 -9.10 2.98
CA GLY A 23 -2.21 -10.41 2.40
C GLY A 23 -1.67 -10.52 0.98
N VAL A 24 -1.92 -9.48 0.18
CA VAL A 24 -1.40 -9.49 -1.19
C VAL A 24 0.11 -9.47 -1.16
N LEU A 25 0.70 -8.70 -0.26
CA LEU A 25 2.15 -8.69 -0.15
C LEU A 25 2.72 -10.07 0.13
N GLN A 26 2.03 -10.85 0.98
CA GLN A 26 2.51 -12.19 1.27
C GLN A 26 2.48 -13.05 0.01
N SER A 27 1.46 -12.88 -0.83
CA SER A 27 1.44 -13.62 -2.10
C SER A 27 2.58 -13.18 -2.99
N LEU A 28 2.84 -11.88 -3.04
CA LEU A 28 3.97 -11.40 -3.84
C LEU A 28 5.27 -11.99 -3.36
N THR A 29 5.49 -12.02 -2.05
CA THR A 29 6.75 -12.56 -1.56
C THR A 29 6.86 -14.04 -1.86
N SER A 30 5.73 -14.77 -1.85
CA SER A 30 5.76 -16.17 -2.23
C SER A 30 6.26 -16.33 -3.65
N ILE A 31 5.74 -15.50 -4.56
CA ILE A 31 6.15 -15.56 -5.95
C ILE A 31 7.61 -15.20 -6.09
N GLY A 32 8.06 -14.16 -5.39
CA GLY A 32 9.45 -13.75 -5.49
C GLY A 32 10.42 -14.77 -4.93
N LYS A 33 10.04 -15.45 -3.86
CA LYS A 33 10.91 -16.44 -3.23
C LYS A 33 10.95 -17.76 -4.00
N SER A 34 10.05 -17.94 -4.95
CA SER A 34 9.88 -19.23 -5.60
C SER A 34 10.93 -19.43 -6.69
N ALA A 35 10.98 -20.64 -7.22
CA ALA A 35 11.83 -20.98 -8.34
C ALA A 35 11.23 -20.60 -9.69
N ALA A 36 10.09 -19.91 -9.70
CA ALA A 36 9.45 -19.52 -10.95
C ALA A 36 10.35 -18.60 -11.75
N ASP A 37 10.41 -18.80 -13.06
CA ASP A 37 11.20 -17.93 -13.92
C ASP A 37 10.41 -16.64 -14.16
N LYS A 38 10.95 -15.76 -14.99
CA LYS A 38 10.46 -14.38 -15.04
C LYS A 38 9.12 -14.31 -15.77
N GLU A 39 8.96 -15.07 -16.85
CA GLU A 39 7.70 -15.11 -17.57
C GLU A 39 6.61 -15.75 -16.72
N GLU A 40 6.97 -16.78 -15.94
CA GLU A 40 6.01 -17.39 -15.04
C GLU A 40 5.62 -16.44 -13.93
N GLN A 41 6.59 -15.71 -13.36
CA GLN A 41 6.28 -14.72 -12.34
C GLN A 41 5.38 -13.63 -12.88
N GLU A 42 5.67 -13.15 -14.09
CA GLU A 42 4.79 -12.16 -14.71
C GLU A 42 3.36 -12.68 -14.80
N ARG A 43 3.22 -13.93 -15.26
CA ARG A 43 1.89 -14.54 -15.34
C ARG A 43 1.20 -14.54 -13.99
N MET A 44 1.90 -14.93 -12.94
CA MET A 44 1.22 -15.05 -11.66
C MET A 44 0.92 -13.67 -11.09
N LEU A 45 1.79 -12.70 -11.33
CA LEU A 45 1.53 -11.36 -10.83
C LEU A 45 0.35 -10.72 -11.54
N ARG A 46 0.24 -10.93 -12.85
CA ARG A 46 -0.94 -10.45 -13.57
C ARG A 46 -2.21 -11.06 -13.00
N SER A 47 -2.20 -12.38 -12.78
CA SER A 47 -3.37 -13.03 -12.19
C SER A 47 -3.66 -12.48 -10.80
N LEU A 48 -2.62 -12.33 -9.98
CA LEU A 48 -2.81 -11.80 -8.65
C LEU A 48 -3.48 -10.44 -8.67
N PHE A 49 -2.96 -9.52 -9.48
CA PHE A 49 -3.59 -8.21 -9.48
C PHE A 49 -4.93 -8.21 -10.18
N SER A 50 -5.21 -9.25 -10.97
CA SER A 50 -6.54 -9.36 -11.56
C SER A 50 -7.57 -9.74 -10.50
N VAL A 51 -7.19 -10.56 -9.52
CA VAL A 51 -8.17 -11.07 -8.57
C VAL A 51 -8.29 -10.18 -7.34
N VAL A 52 -7.23 -9.45 -6.95
CA VAL A 52 -7.34 -8.63 -5.75
C VAL A 52 -8.33 -7.50 -6.01
N GLY A 53 -8.95 -7.01 -4.95
CA GLY A 53 -9.93 -5.94 -5.05
C GLY A 53 -9.68 -4.87 -4.01
N GLY A 54 -10.77 -4.21 -3.62
CA GLY A 54 -10.66 -3.19 -2.61
C GLY A 54 -9.90 -1.99 -3.13
N VAL A 55 -9.01 -1.46 -2.29
CA VAL A 55 -8.27 -0.25 -2.64
C VAL A 55 -6.97 -0.57 -3.35
N ILE A 56 -6.65 -1.83 -3.57
CA ILE A 56 -5.38 -2.18 -4.20
C ILE A 56 -5.45 -1.84 -5.69
N ILE A 57 -4.50 -1.06 -6.19
CA ILE A 57 -4.53 -0.64 -7.60
C ILE A 57 -3.29 -1.02 -8.37
N SER A 58 -2.18 -1.37 -7.73
CA SER A 58 -0.94 -1.61 -8.44
C SER A 58 0.10 -2.14 -7.48
N GLY A 59 1.24 -2.56 -8.03
CA GLY A 59 2.34 -3.05 -7.22
C GLY A 59 3.12 -4.10 -7.97
N GLY A 60 3.93 -4.87 -7.25
CA GLY A 60 4.65 -5.97 -7.89
C GLY A 60 5.98 -6.24 -7.23
N LEU A 61 6.93 -6.72 -8.06
CA LEU A 61 8.24 -7.14 -7.58
C LEU A 61 9.35 -6.23 -8.11
N TRP A 62 10.34 -5.96 -7.25
CA TRP A 62 11.43 -5.02 -7.52
C TRP A 62 12.73 -5.73 -7.16
N PRO A 63 13.31 -6.49 -8.10
CA PRO A 63 14.53 -7.24 -7.77
C PRO A 63 15.68 -6.30 -7.51
N GLU A 64 16.59 -6.72 -6.64
CA GLU A 64 17.82 -5.98 -6.45
C GLU A 64 18.48 -5.77 -7.81
N PRO A 65 18.75 -4.53 -8.23
CA PRO A 65 19.30 -4.31 -9.57
C PRO A 65 20.72 -4.84 -9.69
N ASN A 66 21.11 -5.07 -10.94
CA ASN A 66 22.51 -5.31 -11.30
C ASN A 66 22.98 -4.05 -12.01
N LEU A 67 23.37 -3.05 -11.23
CA LEU A 67 23.90 -1.80 -11.77
C LEU A 67 25.30 -2.00 -12.31
N THR A 70 27.90 -3.68 -18.25
CA THR A 70 26.60 -4.28 -18.41
C THR A 70 25.93 -3.81 -19.71
N ASP A 71 24.77 -4.40 -20.04
CA ASP A 71 23.83 -3.96 -21.07
C ASP A 71 22.75 -3.13 -20.42
N PRO A 72 22.47 -1.91 -20.90
CA PRO A 72 21.52 -1.04 -20.16
C PRO A 72 20.16 -1.68 -19.88
N SER A 73 19.62 -2.45 -20.82
CA SER A 73 18.29 -3.03 -20.61
C SER A 73 18.26 -4.09 -19.52
N LEU A 74 19.42 -4.55 -19.03
CA LEU A 74 19.49 -5.67 -18.10
C LEU A 74 19.50 -5.25 -16.63
N ARG A 75 19.82 -3.99 -16.33
CA ARG A 75 20.12 -3.60 -14.95
C ARG A 75 18.87 -3.63 -14.07
N TYR A 76 17.74 -3.24 -14.61
CA TYR A 76 16.48 -3.17 -13.86
C TYR A 76 15.48 -4.10 -14.52
N ASP A 77 14.88 -4.98 -13.73
CA ASP A 77 13.85 -5.89 -14.22
C ASP A 77 12.70 -5.98 -13.22
N SER A 78 12.19 -4.81 -12.84
CA SER A 78 10.97 -4.76 -12.05
C SER A 78 9.82 -5.39 -12.82
N LEU A 79 8.88 -5.96 -12.05
CA LEU A 79 7.62 -6.53 -12.54
C LEU A 79 6.51 -5.74 -11.85
N PHE A 80 6.02 -4.71 -12.53
CA PHE A 80 5.12 -3.70 -11.98
C PHE A 80 3.81 -3.76 -12.75
N PHE A 81 2.70 -3.91 -12.02
CA PHE A 81 1.38 -4.08 -12.62
C PHE A 81 0.45 -3.01 -12.12
N ASN A 82 -0.40 -2.51 -13.02
CA ASN A 82 -1.36 -1.45 -12.74
C ASN A 82 -2.76 -1.93 -13.14
N LYS A 83 -3.74 -1.71 -12.27
CA LYS A 83 -5.12 -2.09 -12.56
C LYS A 83 -5.85 -0.89 -13.16
N ALA A 84 -6.06 -0.91 -14.47
CA ALA A 84 -6.65 0.24 -15.16
C ALA A 84 -8.14 0.39 -14.91
N ASP A 86 -9.27 -0.66 -18.92
CA ASP A 86 -10.63 -0.46 -18.42
C ASP A 86 -10.77 -1.07 -17.03
N GLY A 87 -10.87 -2.40 -16.99
CA GLY A 87 -10.68 -3.16 -15.78
C GLY A 87 -9.51 -4.11 -15.93
N GLN A 88 -8.76 -3.92 -17.01
CA GLN A 88 -7.65 -4.79 -17.35
C GLN A 88 -6.42 -4.45 -16.52
N VAL A 89 -5.49 -5.41 -16.49
CA VAL A 89 -4.23 -5.26 -15.78
C VAL A 89 -3.14 -5.06 -16.81
N ASP A 90 -2.37 -3.98 -16.65
CA ASP A 90 -1.25 -3.67 -17.52
C ASP A 90 0.06 -3.88 -16.79
N GLN A 91 1.03 -4.47 -17.46
CA GLN A 91 2.41 -4.48 -16.97
C GLN A 91 3.13 -3.25 -17.51
N LEU A 92 3.83 -2.55 -16.63
CA LEU A 92 4.56 -1.35 -17.00
C LEU A 92 6.06 -1.61 -16.91
N SER A 93 6.78 -1.20 -17.94
CA SER A 93 8.23 -1.30 -17.99
C SER A 93 8.92 -0.01 -17.61
N SER A 94 8.16 1.01 -17.20
CA SER A 94 8.66 2.37 -17.12
C SER A 94 9.84 2.51 -16.17
N TRP A 95 9.90 1.70 -15.11
CA TRP A 95 11.01 1.85 -14.18
C TRP A 95 12.31 1.22 -14.66
N ASN A 96 12.31 0.51 -15.78
CA ASN A 96 13.45 -0.33 -16.11
C ASN A 96 14.45 0.26 -17.12
N ASN A 97 14.23 1.48 -17.63
CA ASN A 97 15.27 2.09 -18.47
C ASN A 97 16.29 2.74 -17.56
N PRO A 98 17.58 2.38 -17.66
CA PRO A 98 18.55 2.98 -16.73
C PRO A 98 18.61 4.47 -16.84
N LYS A 99 18.35 5.04 -18.03
CA LYS A 99 18.47 6.47 -18.15
C LYS A 99 17.57 7.19 -17.16
N ALA A 100 16.51 6.54 -16.71
CA ALA A 100 15.48 7.19 -15.92
C ALA A 100 15.79 7.20 -14.43
N GLY A 101 16.88 6.57 -14.00
CA GLY A 101 17.27 6.57 -12.59
C GLY A 101 17.13 5.24 -11.88
N GLY A 102 16.27 4.34 -12.34
CA GLY A 102 16.02 3.10 -11.62
C GLY A 102 15.08 3.30 -10.43
N TYR A 103 14.87 2.21 -9.69
CA TYR A 103 13.91 2.20 -8.60
C TYR A 103 14.52 1.94 -7.22
N ASP A 104 15.81 1.64 -7.13
CA ASP A 104 16.37 1.23 -5.85
C ASP A 104 16.71 2.39 -4.94
N ARG A 105 16.39 3.63 -5.33
CA ARG A 105 16.56 4.78 -4.45
CA ARG A 105 16.56 4.80 -4.48
C ARG A 105 15.22 5.38 -4.04
N GLU A 106 14.13 4.71 -4.37
CA GLU A 106 12.80 5.17 -3.97
C GLU A 106 12.57 4.84 -2.51
N SER A 107 11.81 5.72 -1.85
CA SER A 107 11.57 5.59 -0.42
C SER A 107 11.00 4.21 -0.09
N TRP A 108 10.06 3.72 -0.89
CA TRP A 108 9.41 2.46 -0.58
C TRP A 108 10.32 1.26 -0.83
N TYR A 109 11.32 1.40 -1.71
CA TYR A 109 12.32 0.36 -1.88
C TYR A 109 13.32 0.40 -0.72
N LEU A 110 13.87 1.57 -0.45
CA LEU A 110 14.87 1.72 0.60
C LEU A 110 14.35 1.30 1.96
N ALA A 111 13.09 1.61 2.26
CA ALA A 111 12.54 1.24 3.57
C ALA A 111 12.62 -0.26 3.81
N ALA A 112 12.44 -1.07 2.76
CA ALA A 112 12.40 -2.53 2.91
C ALA A 112 13.74 -3.18 2.60
N GLU A 113 14.67 -2.44 2.01
CA GLU A 113 15.91 -3.02 1.52
C GLU A 113 16.69 -3.65 2.65
N ARG A 114 17.01 -4.93 2.48
CA ARG A 114 17.81 -5.71 3.42
C ARG A 114 17.21 -5.77 4.82
N GLU A 115 15.92 -5.45 4.96
CA GLU A 115 15.26 -5.62 6.24
C GLU A 115 14.83 -7.08 6.43
N ALA A 116 14.42 -7.39 7.67
CA ALA A 116 14.04 -8.75 8.00
C ALA A 116 12.76 -9.11 7.27
N GLU A 117 12.73 -10.30 6.66
CA GLU A 117 11.50 -10.82 6.08
C GLU A 117 10.38 -10.72 7.10
N GLY A 118 9.18 -10.39 6.65
CA GLY A 118 8.06 -10.29 7.55
C GLY A 118 7.80 -8.92 8.15
N LEU A 119 8.65 -7.94 7.90
CA LEU A 119 8.41 -6.57 8.30
C LEU A 119 7.78 -5.81 7.14
N TYR A 120 6.84 -4.91 7.45
CA TYR A 120 6.12 -4.13 6.45
C TYR A 120 6.42 -2.66 6.63
N PHE A 121 6.48 -1.92 5.53
CA PHE A 121 6.85 -0.52 5.56
C PHE A 121 5.85 0.29 4.75
N TRP A 122 5.47 1.42 5.30
CA TRP A 122 4.46 2.29 4.70
C TRP A 122 5.11 3.57 4.19
N SER A 123 4.86 3.84 2.91
CA SER A 123 5.39 5.01 2.24
C SER A 123 4.55 6.22 2.56
N PRO A 124 5.12 7.41 2.40
CA PRO A 124 4.27 8.62 2.35
C PRO A 124 3.33 8.56 1.17
N VAL A 125 2.27 9.38 1.25
CA VAL A 125 1.44 9.61 0.08
C VAL A 125 2.27 10.15 -1.06
N TYR A 126 2.01 9.66 -2.26
CA TYR A 126 2.67 10.21 -3.43
C TYR A 126 1.81 9.94 -4.65
N VAL A 127 2.11 10.64 -5.72
CA VAL A 127 1.50 10.37 -7.02
C VAL A 127 2.49 9.53 -7.81
N ASP A 128 2.09 8.34 -8.19
CA ASP A 128 2.99 7.47 -8.91
C ASP A 128 3.45 8.16 -10.20
N PRO A 129 4.74 8.23 -10.46
CA PRO A 129 5.18 9.05 -11.60
C PRO A 129 4.76 8.48 -12.93
N TYR A 130 4.39 7.20 -12.98
CA TYR A 130 4.04 6.56 -14.24
C TYR A 130 2.57 6.22 -14.37
N THR A 131 1.92 5.75 -13.32
CA THR A 131 0.47 5.57 -13.40
C THR A 131 -0.30 6.84 -13.09
N ARG A 132 0.34 7.79 -12.40
CA ARG A 132 -0.25 9.08 -12.02
C ARG A 132 -1.40 8.92 -11.04
N VAL A 133 -1.43 7.81 -10.32
CA VAL A 133 -2.43 7.58 -9.30
C VAL A 133 -1.84 7.98 -7.96
N GLU A 134 -2.59 8.78 -7.21
CA GLU A 134 -2.20 9.14 -5.86
C GLU A 134 -2.41 7.96 -4.93
N MET A 135 -1.37 7.63 -4.16
CA MET A 135 -1.35 6.33 -3.50
C MET A 135 -0.50 6.35 -2.25
N ILE A 136 -0.68 5.29 -1.44
CA ILE A 136 0.23 4.90 -0.37
C ILE A 136 0.70 3.49 -0.67
N THR A 137 1.97 3.23 -0.43
CA THR A 137 2.58 1.96 -0.77
C THR A 137 3.03 1.22 0.48
N VAL A 138 2.72 -0.08 0.53
CA VAL A 138 3.25 -0.97 1.54
CA VAL A 138 3.23 -1.00 1.54
C VAL A 138 4.28 -1.87 0.87
N SER A 139 5.44 -1.98 1.48
CA SER A 139 6.53 -2.76 0.90
C SER A 139 7.13 -3.69 1.94
N THR A 140 7.80 -4.72 1.44
CA THR A 140 8.46 -5.72 2.28
C THR A 140 9.58 -6.37 1.48
N PRO A 141 10.65 -6.80 2.14
CA PRO A 141 11.70 -7.52 1.41
C PRO A 141 11.29 -8.98 1.21
N TYR A 142 11.91 -9.58 0.20
CA TYR A 142 11.88 -11.03 0.05
C TYR A 142 13.32 -11.52 -0.18
N TYR A 143 13.55 -12.77 0.21
CA TYR A 143 14.88 -13.38 0.20
C TYR A 143 14.88 -14.65 -0.64
N ARG A 144 16.07 -15.00 -1.13
CA ARG A 144 16.28 -16.26 -1.82
C ARG A 144 17.68 -16.75 -1.50
N ASN A 145 17.77 -18.00 -1.03
CA ASN A 145 19.06 -18.59 -0.68
C ASN A 145 19.74 -17.80 0.43
N GLY A 146 18.92 -17.33 1.39
CA GLY A 146 19.41 -16.54 2.50
C GLY A 146 19.70 -15.10 2.18
N GLN A 147 19.76 -14.73 0.90
CA GLN A 147 20.24 -13.43 0.47
C GLN A 147 19.07 -12.55 0.04
N PHE A 148 19.00 -11.33 0.57
CA PHE A 148 18.03 -10.36 0.11
C PHE A 148 17.97 -10.37 -1.40
N ALA A 149 16.77 -10.50 -1.95
CA ALA A 149 16.58 -10.59 -3.38
C ALA A 149 15.82 -9.43 -4.00
N GLY A 150 15.06 -8.68 -3.22
CA GLY A 150 14.30 -7.58 -3.78
C GLY A 150 13.23 -7.12 -2.80
N VAL A 151 12.39 -6.22 -3.31
CA VAL A 151 11.29 -5.65 -2.53
C VAL A 151 9.99 -5.98 -3.26
N ALA A 152 8.96 -6.28 -2.48
CA ALA A 152 7.60 -6.42 -2.99
C ALA A 152 6.76 -5.23 -2.52
N THR A 153 5.89 -4.73 -3.40
CA THR A 153 5.03 -3.60 -3.06
C THR A 153 3.58 -3.88 -3.44
N VAL A 154 2.70 -3.23 -2.70
CA VAL A 154 1.29 -3.10 -3.04
CA VAL A 154 1.28 -3.10 -3.04
C VAL A 154 0.91 -1.64 -2.85
N ASP A 155 0.22 -1.07 -3.84
CA ASP A 155 -0.20 0.32 -3.82
C ASP A 155 -1.68 0.43 -3.49
N LEU A 156 -2.00 1.30 -2.54
CA LEU A 156 -3.39 1.58 -2.16
C LEU A 156 -3.82 2.87 -2.84
N SER A 157 -4.94 2.82 -3.54
CA SER A 157 -5.48 4.05 -4.13
C SER A 157 -5.98 4.96 -3.03
N LEU A 158 -5.44 6.18 -2.96
CA LEU A 158 -5.92 7.12 -1.95
C LEU A 158 -7.38 7.45 -2.18
N GLU A 159 -7.75 7.67 -3.44
CA GLU A 159 -9.14 7.99 -3.75
C GLU A 159 -10.06 6.88 -3.29
N SER A 160 -9.68 5.63 -3.52
CA SER A 160 -10.54 4.52 -3.12
C SER A 160 -10.59 4.42 -1.60
N LEU A 161 -9.46 4.64 -0.93
CA LEU A 161 -9.45 4.55 0.52
C LEU A 161 -10.32 5.63 1.16
N ILE A 162 -10.25 6.87 0.64
CA ILE A 162 -11.06 7.97 1.15
C ILE A 162 -12.53 7.65 1.02
N GLN A 163 -12.93 7.14 -0.15
CA GLN A 163 -14.34 6.84 -0.38
C GLN A 163 -14.83 5.77 0.58
N PHE A 164 -13.99 4.76 0.82
CA PHE A 164 -14.38 3.66 1.70
C PHE A 164 -14.49 4.13 3.15
N VAL A 165 -13.47 4.82 3.63
CA VAL A 165 -13.48 5.27 5.02
C VAL A 165 -14.63 6.25 5.25
N ALA A 166 -14.80 7.20 4.32
CA ALA A 166 -15.85 8.19 4.50
C ALA A 166 -17.24 7.56 4.42
N ALA A 167 -17.45 6.67 3.45
CA ALA A 167 -18.75 6.02 3.35
C ALA A 167 -19.06 5.22 4.61
N THR A 168 -18.04 4.55 5.16
CA THR A 168 -18.26 3.72 6.34
C THR A 168 -18.59 4.58 7.54
N ALA A 169 -17.79 5.64 7.74
CA ALA A 169 -18.07 6.58 8.82
C ALA A 169 -19.50 7.11 8.71
N GLU A 170 -19.92 7.50 7.51
CA GLU A 170 -21.25 8.05 7.35
C GLU A 170 -22.34 7.05 7.74
N GLN A 171 -22.18 5.78 7.36
CA GLN A 171 -23.16 4.77 7.71
C GLN A 171 -23.28 4.62 9.22
N TYR A 172 -22.16 4.73 9.94
CA TYR A 172 -22.14 4.63 11.39
C TYR A 172 -22.44 5.95 12.09
N ASN A 173 -22.82 6.99 11.35
CA ASN A 173 -23.13 8.29 11.94
C ASN A 173 -21.96 8.82 12.75
N LEU A 174 -20.77 8.77 12.13
CA LEU A 174 -19.53 9.23 12.73
C LEU A 174 -18.84 10.25 11.83
N GLY A 175 -18.05 11.13 12.44
CA GLY A 175 -17.01 11.86 11.74
C GLY A 175 -15.67 11.26 12.10
N VAL A 176 -14.70 11.34 11.18
CA VAL A 176 -13.40 10.71 11.40
C VAL A 176 -12.32 11.53 10.71
N ASN A 177 -11.17 11.63 11.39
CA ASN A 177 -9.91 12.04 10.79
C ASN A 177 -8.95 10.85 10.87
N LEU A 178 -8.34 10.50 9.75
CA LEU A 178 -7.34 9.43 9.70
C LEU A 178 -6.04 10.05 9.23
N LYS A 179 -5.00 9.93 10.05
CA LYS A 179 -3.67 10.48 9.75
C LYS A 179 -2.69 9.32 9.57
N ASP A 180 -1.67 9.52 8.73
CA ASP A 180 -0.68 8.46 8.52
C ASP A 180 0.54 8.69 9.42
N ALA A 181 1.56 7.83 9.24
CA ALA A 181 2.74 7.85 10.09
C ALA A 181 3.59 9.10 9.86
N PHE A 182 3.25 9.90 8.86
CA PHE A 182 3.94 11.15 8.57
C PHE A 182 3.09 12.35 8.92
N GLY A 183 1.97 12.15 9.60
CA GLY A 183 1.11 13.25 9.97
C GLY A 183 0.21 13.76 8.88
N VAL A 184 0.15 13.09 7.76
CA VAL A 184 -0.67 13.56 6.65
C VAL A 184 -2.12 13.14 6.87
N GLU A 185 -3.05 14.06 6.61
CA GLU A 185 -4.47 13.77 6.78
C GLU A 185 -4.95 12.99 5.56
N VAL A 186 -5.04 11.67 5.71
CA VAL A 186 -5.47 10.80 4.62
C VAL A 186 -6.94 11.04 4.31
N VAL A 187 -7.78 11.03 5.35
CA VAL A 187 -9.21 11.25 5.22
C VAL A 187 -9.68 12.13 6.36
N SER A 188 -10.59 13.05 6.05
CA SER A 188 -11.29 13.82 7.07
C SER A 188 -12.74 13.91 6.62
N HIS A 189 -13.62 13.19 7.30
CA HIS A 189 -15.02 13.15 6.90
C HIS A 189 -15.89 13.60 8.06
N ASN A 190 -16.60 14.72 7.86
CA ASN A 190 -17.59 15.24 8.82
C ASN A 190 -17.04 15.30 10.24
N PHE A 191 -15.78 15.72 10.36
CA PHE A 191 -15.10 15.76 11.65
C PHE A 191 -14.91 17.21 12.10
N ARG A 192 -15.41 17.51 13.30
CA ARG A 192 -15.24 18.82 13.90
C ARG A 192 -15.60 18.69 15.38
N THR A 193 -15.09 19.63 16.17
CA THR A 193 -15.29 19.61 17.60
C THR A 193 -15.77 20.99 18.04
N TYR A 194 -16.85 20.98 18.84
CA TYR A 194 -17.35 22.17 19.49
C TYR A 194 -18.28 21.70 20.61
N ASP A 195 -18.55 22.61 21.54
CA ASP A 195 -19.47 22.36 22.65
C ASP A 195 -19.12 21.06 23.35
N ASN A 196 -17.82 20.84 23.54
CA ASN A 196 -17.32 19.72 24.34
C ASN A 196 -17.70 18.36 23.75
N ALA A 197 -17.72 18.24 22.43
CA ALA A 197 -17.91 16.93 21.81
C ALA A 197 -16.79 15.99 22.24
N LEU A 198 -17.17 14.75 22.58
CA LEU A 198 -16.17 13.75 22.90
C LEU A 198 -15.46 13.29 21.64
N VAL A 199 -14.16 13.03 21.77
CA VAL A 199 -13.38 12.48 20.68
C VAL A 199 -12.85 11.14 21.12
N SER A 200 -13.05 10.13 20.29
CA SER A 200 -12.53 8.79 20.54
C SER A 200 -11.27 8.59 19.70
N TYR A 201 -10.18 8.23 20.35
CA TYR A 201 -8.91 8.09 19.65
C TYR A 201 -8.56 6.63 19.51
N TYR A 202 -8.03 6.27 18.35
CA TYR A 202 -7.60 4.89 18.17
C TYR A 202 -6.34 4.87 17.34
N SER A 203 -5.33 4.18 17.83
CA SER A 203 -4.05 4.09 17.15
C SER A 203 -3.87 2.67 16.61
N PHE A 204 -3.55 2.58 15.33
CA PHE A 204 -3.17 1.30 14.74
C PHE A 204 -1.70 0.94 15.01
N GLY A 205 -0.94 1.81 15.66
CA GLY A 205 0.46 1.58 15.96
C GLY A 205 1.18 2.89 16.17
N GLU A 206 2.35 2.81 16.82
CA GLU A 206 3.07 4.04 17.15
C GLU A 206 3.43 4.83 15.90
N PHE A 207 3.83 4.14 14.84
CA PHE A 207 4.13 4.76 13.56
C PHE A 207 3.19 4.23 12.48
N ASN A 208 1.95 3.96 12.88
CA ASN A 208 0.95 3.47 11.94
C ASN A 208 -0.14 4.51 11.92
N TRP A 209 -1.30 4.18 11.38
CA TRP A 209 -2.36 5.16 11.23
C TRP A 209 -2.96 5.54 12.58
N GLN A 210 -3.53 6.75 12.63
CA GLN A 210 -4.25 7.24 13.79
C GLN A 210 -5.63 7.73 13.41
N ILE A 211 -6.63 7.41 14.22
CA ILE A 211 -7.92 8.01 13.93
C ILE A 211 -8.45 8.74 15.15
N GLU A 212 -9.19 9.81 14.86
CA GLU A 212 -9.98 10.54 15.84
C GLU A 212 -11.41 10.44 15.33
N VAL A 213 -12.35 10.15 16.23
CA VAL A 213 -13.73 9.85 15.84
C VAL A 213 -14.67 10.66 16.72
N VAL A 214 -15.68 11.27 16.08
CA VAL A 214 -16.71 12.00 16.81
C VAL A 214 -18.07 11.49 16.38
N ASN A 215 -19.07 11.73 17.21
CA ASN A 215 -20.43 11.45 16.81
C ASN A 215 -20.87 12.47 15.77
N ALA A 216 -21.68 12.03 14.80
CA ALA A 216 -22.26 12.92 13.81
C ALA A 216 -23.66 13.34 14.22
N ASN A 217 -23.98 14.61 13.97
CA ASN A 217 -25.26 15.21 14.37
C ASN A 217 -26.19 15.42 13.17
N SEL B . 3.91 2.61 -7.10
CA SEL B . 5.11 1.86 -7.46
CB SEL B . 5.61 1.14 -6.22
OG SEL B . 4.73 0.07 -5.98
C SEL B . 6.09 2.84 -8.10
OXT SEL B . 5.66 3.01 -9.42
H2 SEL B . 4.14 3.58 -6.99
H SEL B . 3.22 2.52 -7.81
HA SEL B . 4.94 1.09 -8.19
HB2 SEL B . 5.62 1.82 -5.37
HB3 SEL B . 6.62 0.76 -6.39
HG SEL B . 4.74 -0.16 -5.06
H21 SEL B . 7.09 2.43 -8.08
H22 SEL B . 6.08 3.79 -7.57
HXT SEL B . 5.88 3.87 -9.72
CL CL C . -10.49 13.69 2.78
#